data_7UES
#
_entry.id   7UES
#
_cell.length_a   98.011
_cell.length_b   98.011
_cell.length_c   69.057
_cell.angle_alpha   90.000
_cell.angle_beta   90.000
_cell.angle_gamma   120.000
#
_symmetry.space_group_name_H-M   'P 31 2 1'
#
loop_
_entity.id
_entity.type
_entity.pdbx_description
1 polymer 'Pantothenate kinase 3'
2 non-polymer N-(4-{2-[4-(6-cyanopyridazin-3-yl)piperazin-1-yl]-2-oxoethyl}phenyl)methanesulfonamide
3 non-polymer 'MAGNESIUM ION'
4 non-polymer 'PHOSPHOAMINOPHOSPHONIC ACID-ADENYLATE ESTER'
5 water water
#
_entity_poly.entity_id   1
_entity_poly.type   'polypeptide(L)'
_entity_poly.pdbx_seq_one_letter_code
;MGSSHHHHHHSSGLVPRGSPWFGMDIGGTLVKLSYFEPIDITAEEEQEEVESLKSIRKYLTSNVAYGSTGIRDVHLELKD
LTLFGRRGNLHFIRFPTQDLPTFIQMGRDKNFSTLQTVLCATGGGAYKFEKDFRTIGNLHLHKLDELDCLVKGLLYIDSV
SFNGQAECYYFANASEPERCQKMPFNLDDPYPLLVVNIGSGVSILAVHSKDNYKRVTGTSLGGGTFLGLCSLLTGCESFE
EALEMASKGDSTQADKLVRDIYGGDYERFGLPGWAVASSFGNMIYKEKRESVSKEDLARATLVTITNNIGSVARMCAVNE
KINRVVFVGNFLRVNTLSMKLLAYALDYWSKGQLKALFLEHEGYFGAVGALLGLPNFSDD
;
_entity_poly.pdbx_strand_id   A
#
# COMPACT_ATOMS: atom_id res chain seq x y z
N SER A 19 13.98 -20.88 -14.92
CA SER A 19 12.62 -20.54 -14.53
C SER A 19 12.44 -19.01 -14.54
N PRO A 20 11.21 -18.54 -14.74
CA PRO A 20 10.96 -17.10 -14.63
C PRO A 20 11.26 -16.60 -13.23
N TRP A 21 11.67 -15.34 -13.15
CA TRP A 21 12.02 -14.68 -11.90
C TRP A 21 10.80 -13.92 -11.41
N PHE A 22 10.16 -14.42 -10.35
CA PHE A 22 8.93 -13.82 -9.79
C PHE A 22 9.06 -13.57 -8.29
N GLY A 23 8.43 -12.50 -7.80
CA GLY A 23 8.37 -12.28 -6.35
C GLY A 23 6.91 -12.14 -5.98
N MET A 24 6.39 -12.83 -4.95
CA MET A 24 4.96 -12.81 -4.70
C MET A 24 4.72 -12.48 -3.23
N ASP A 25 3.81 -11.54 -3.00
CA ASP A 25 3.36 -11.16 -1.67
C ASP A 25 1.86 -11.47 -1.60
N ILE A 26 1.49 -12.51 -0.87
CA ILE A 26 0.11 -12.93 -0.77
C ILE A 26 -0.44 -12.35 0.53
N GLY A 27 -1.18 -11.23 0.41
CA GLY A 27 -1.76 -10.59 1.58
C GLY A 27 -3.15 -11.11 1.92
N GLY A 28 -3.72 -10.50 2.97
CA GLY A 28 -5.08 -10.85 3.35
C GLY A 28 -6.12 -10.46 2.31
N THR A 29 -5.81 -9.48 1.45
CA THR A 29 -6.76 -9.01 0.45
C THR A 29 -6.24 -9.14 -0.97
N LEU A 30 -5.02 -8.69 -1.25
CA LEU A 30 -4.47 -8.72 -2.60
C LEU A 30 -3.19 -9.56 -2.66
N VAL A 31 -2.99 -10.21 -3.80
CA VAL A 31 -1.72 -10.80 -4.18
C VAL A 31 -0.97 -9.78 -5.03
N LYS A 32 0.28 -9.54 -4.70
CA LYS A 32 1.13 -8.64 -5.47
C LYS A 32 2.25 -9.46 -6.06
N LEU A 33 2.51 -9.26 -7.34
CA LEU A 33 3.49 -10.05 -8.07
C LEU A 33 4.45 -9.11 -8.76
N SER A 34 5.75 -9.30 -8.53
CA SER A 34 6.80 -8.63 -9.31
C SER A 34 7.43 -9.64 -10.26
N TYR A 35 7.53 -9.27 -11.53
CA TYR A 35 8.04 -10.14 -12.57
C TYR A 35 9.17 -9.44 -13.30
N PHE A 36 10.33 -10.08 -13.36
CA PHE A 36 11.48 -9.56 -14.10
C PHE A 36 11.49 -10.15 -15.51
N GLU A 37 11.30 -9.30 -16.51
CA GLU A 37 11.34 -9.70 -17.91
C GLU A 37 12.72 -9.42 -18.48
N PRO A 38 13.52 -10.44 -18.81
CA PRO A 38 14.84 -10.16 -19.43
C PRO A 38 14.66 -9.57 -20.81
N ILE A 39 15.48 -8.56 -21.11
CA ILE A 39 15.49 -7.93 -22.42
C ILE A 39 16.81 -8.09 -23.15
N ASP A 40 17.74 -8.87 -22.59
CA ASP A 40 19.03 -9.11 -23.22
C ASP A 40 19.16 -10.57 -23.66
N ILE A 41 18.05 -11.13 -24.14
CA ILE A 41 18.02 -12.53 -24.57
C ILE A 41 18.80 -12.65 -25.86
N THR A 42 19.81 -13.50 -25.87
CA THR A 42 20.57 -13.77 -27.08
C THR A 42 19.82 -14.72 -28.00
N ALA A 43 20.26 -14.79 -29.26
CA ALA A 43 19.64 -15.69 -30.22
C ALA A 43 19.69 -17.15 -29.74
N GLU A 44 20.82 -17.56 -29.15
CA GLU A 44 20.94 -18.93 -28.66
C GLU A 44 20.02 -19.17 -27.46
N GLU A 45 19.93 -18.20 -26.55
CA GLU A 45 19.06 -18.36 -25.39
C GLU A 45 17.60 -18.49 -25.80
N GLU A 46 17.19 -17.77 -26.85
CA GLU A 46 15.81 -17.85 -27.31
C GLU A 46 15.46 -19.25 -27.79
N GLN A 47 16.42 -19.96 -28.39
CA GLN A 47 16.18 -21.34 -28.82
C GLN A 47 15.98 -22.26 -27.62
N GLU A 48 16.88 -22.18 -26.63
CA GLU A 48 16.80 -23.03 -25.45
C GLU A 48 15.59 -22.72 -24.57
N GLU A 49 14.82 -21.68 -24.89
CA GLU A 49 13.61 -21.38 -24.14
C GLU A 49 12.52 -22.37 -24.49
N VAL A 50 11.96 -23.03 -23.48
CA VAL A 50 10.85 -23.95 -23.70
C VAL A 50 9.59 -23.16 -24.05
N GLU A 51 8.69 -23.79 -24.80
CA GLU A 51 7.53 -23.09 -25.32
C GLU A 51 6.64 -22.56 -24.19
N SER A 52 6.56 -23.29 -23.08
CA SER A 52 5.77 -22.81 -21.94
C SER A 52 6.36 -21.52 -21.38
N LEU A 53 7.69 -21.46 -21.26
CA LEU A 53 8.33 -20.25 -20.77
C LEU A 53 8.09 -19.08 -21.72
N LYS A 54 8.24 -19.33 -23.03
CA LYS A 54 7.93 -18.29 -24.00
C LYS A 54 6.46 -17.89 -23.94
N SER A 55 5.58 -18.87 -23.72
CA SER A 55 4.15 -18.58 -23.60
C SER A 55 3.87 -17.70 -22.38
N ILE A 56 4.54 -17.97 -21.26
CA ILE A 56 4.36 -17.16 -20.06
C ILE A 56 4.81 -15.73 -20.31
N ARG A 57 6.02 -15.57 -20.86
CA ARG A 57 6.56 -14.23 -21.06
C ARG A 57 5.68 -13.42 -22.01
N LYS A 58 5.24 -14.03 -23.10
CA LYS A 58 4.39 -13.31 -24.05
C LYS A 58 3.01 -13.02 -23.45
N TYR A 59 2.46 -13.96 -22.67
CA TYR A 59 1.17 -13.73 -22.04
C TYR A 59 1.22 -12.55 -21.09
N LEU A 60 2.27 -12.47 -20.28
CA LEU A 60 2.37 -11.41 -19.28
C LEU A 60 2.68 -10.05 -19.93
N THR A 61 3.50 -10.03 -20.98
CA THR A 61 3.93 -8.76 -21.56
C THR A 61 3.01 -8.25 -22.67
N SER A 62 2.10 -9.07 -23.20
CA SER A 62 1.19 -8.65 -24.24
C SER A 62 -0.22 -8.35 -23.74
N ASN A 63 -0.47 -8.55 -22.44
CA ASN A 63 -1.75 -8.25 -21.83
C ASN A 63 -1.54 -7.34 -20.63
N VAL A 64 -2.51 -6.47 -20.38
CA VAL A 64 -2.54 -5.67 -19.17
C VAL A 64 -3.64 -6.09 -18.21
N ALA A 65 -4.60 -6.88 -18.66
CA ALA A 65 -5.59 -7.50 -17.81
C ALA A 65 -5.43 -9.00 -17.96
N TYR A 66 -5.48 -9.72 -16.83
CA TYR A 66 -5.28 -11.17 -16.84
C TYR A 66 -6.55 -11.81 -16.30
N GLY A 67 -7.25 -12.56 -17.14
CA GLY A 67 -8.54 -13.04 -16.71
C GLY A 67 -9.48 -11.90 -16.37
N SER A 68 -10.34 -12.13 -15.39
CA SER A 68 -11.30 -11.10 -15.00
C SER A 68 -10.82 -10.20 -13.87
N THR A 69 -9.78 -10.57 -13.12
CA THR A 69 -9.41 -9.78 -11.95
C THR A 69 -7.93 -9.44 -11.82
N GLY A 70 -7.06 -9.93 -12.71
CA GLY A 70 -5.65 -9.56 -12.67
C GLY A 70 -5.40 -8.28 -13.45
N ILE A 71 -4.49 -7.46 -12.93
CA ILE A 71 -4.14 -6.18 -13.56
C ILE A 71 -2.63 -5.98 -13.50
N ARG A 72 -2.04 -5.58 -14.62
CA ARG A 72 -0.66 -5.11 -14.62
C ARG A 72 -0.64 -3.59 -14.54
N ASP A 73 0.08 -3.07 -13.55
CA ASP A 73 0.20 -1.63 -13.33
C ASP A 73 1.34 -1.12 -14.20
N VAL A 74 1.00 -0.88 -15.47
CA VAL A 74 2.01 -0.58 -16.49
C VAL A 74 2.80 0.69 -16.16
N HIS A 75 2.16 1.68 -15.54
CA HIS A 75 2.82 2.93 -15.24
C HIS A 75 3.97 2.77 -14.25
N LEU A 76 3.97 1.70 -13.46
CA LEU A 76 4.98 1.47 -12.44
C LEU A 76 6.19 0.70 -12.96
N GLU A 77 6.16 0.23 -14.21
CA GLU A 77 7.22 -0.62 -14.73
C GLU A 77 8.57 0.06 -14.63
N LEU A 78 9.57 -0.68 -14.15
CA LEU A 78 10.95 -0.21 -14.13
C LEU A 78 11.65 -0.76 -15.37
N LYS A 79 12.11 0.14 -16.23
CA LYS A 79 12.67 -0.25 -17.52
C LYS A 79 14.18 -0.33 -17.46
N ASP A 80 14.73 -1.38 -18.06
CA ASP A 80 16.18 -1.52 -18.25
C ASP A 80 16.90 -1.54 -16.91
N LEU A 81 16.36 -2.32 -15.98
CA LEU A 81 16.98 -2.54 -14.69
C LEU A 81 18.00 -3.67 -14.80
N THR A 82 19.14 -3.50 -14.12
CA THR A 82 20.14 -4.56 -14.03
C THR A 82 19.89 -5.31 -12.73
N LEU A 83 19.47 -6.56 -12.85
CA LEU A 83 19.17 -7.37 -11.69
C LEU A 83 19.77 -8.75 -11.88
N PHE A 84 20.50 -9.22 -10.87
CA PHE A 84 21.16 -10.53 -10.92
C PHE A 84 22.03 -10.67 -12.16
N GLY A 85 22.67 -9.57 -12.56
CA GLY A 85 23.60 -9.59 -13.67
C GLY A 85 22.98 -9.59 -15.05
N ARG A 86 21.66 -9.43 -15.16
CA ARG A 86 20.98 -9.35 -16.45
C ARG A 86 20.17 -8.07 -16.51
N ARG A 87 19.95 -7.57 -17.73
CA ARG A 87 19.10 -6.40 -17.93
C ARG A 87 17.69 -6.84 -18.24
N GLY A 88 16.72 -6.11 -17.71
CA GLY A 88 15.34 -6.42 -18.02
C GLY A 88 14.40 -5.35 -17.49
N ASN A 89 13.11 -5.61 -17.63
CA ASN A 89 12.08 -4.73 -17.12
C ASN A 89 11.40 -5.42 -15.93
N LEU A 90 11.18 -4.65 -14.86
CA LEU A 90 10.49 -5.13 -13.68
C LEU A 90 9.02 -4.73 -13.78
N HIS A 91 8.13 -5.72 -13.82
CA HIS A 91 6.69 -5.51 -13.95
C HIS A 91 5.98 -5.72 -12.62
N PHE A 92 4.83 -5.06 -12.46
CA PHE A 92 4.08 -5.07 -11.20
C PHE A 92 2.63 -5.46 -11.48
N ILE A 93 2.18 -6.56 -10.86
CA ILE A 93 0.91 -7.19 -11.20
C ILE A 93 0.15 -7.49 -9.90
N ARG A 94 -1.17 -7.31 -9.92
CA ARG A 94 -1.96 -7.60 -8.73
C ARG A 94 -3.28 -8.29 -9.08
N PHE A 95 -3.78 -9.07 -8.13
CA PHE A 95 -5.09 -9.69 -8.25
C PHE A 95 -5.56 -10.05 -6.85
N PRO A 96 -6.86 -10.31 -6.67
CA PRO A 96 -7.36 -10.55 -5.31
C PRO A 96 -6.93 -11.91 -4.79
N THR A 97 -6.61 -11.96 -3.50
CA THR A 97 -6.24 -13.23 -2.89
C THR A 97 -7.36 -14.26 -3.04
N GLN A 98 -8.62 -13.81 -3.04
CA GLN A 98 -9.75 -14.70 -3.29
C GLN A 98 -9.60 -15.49 -4.59
N ASP A 99 -8.86 -14.95 -5.57
CA ASP A 99 -8.70 -15.61 -6.86
C ASP A 99 -7.39 -16.41 -6.98
N LEU A 100 -6.63 -16.54 -5.90
CA LEU A 100 -5.42 -17.35 -5.95
C LEU A 100 -5.68 -18.79 -6.43
N PRO A 101 -6.81 -19.45 -6.10
CA PRO A 101 -7.04 -20.77 -6.70
C PRO A 101 -7.02 -20.79 -8.21
N THR A 102 -7.60 -19.76 -8.86
CA THR A 102 -7.50 -19.67 -10.31
C THR A 102 -6.05 -19.56 -10.76
N PHE A 103 -5.26 -18.71 -10.10
CA PHE A 103 -3.84 -18.56 -10.43
C PHE A 103 -3.12 -19.90 -10.32
N ILE A 104 -3.35 -20.62 -9.23
CA ILE A 104 -2.66 -21.88 -9.02
C ILE A 104 -3.11 -22.91 -10.05
N GLN A 105 -4.41 -22.92 -10.37
CA GLN A 105 -4.93 -23.82 -11.40
C GLN A 105 -4.34 -23.52 -12.76
N MET A 106 -4.21 -22.24 -13.12
CA MET A 106 -3.51 -21.88 -14.35
C MET A 106 -2.07 -22.38 -14.33
N GLY A 107 -1.43 -22.34 -13.17
CA GLY A 107 -0.06 -22.82 -13.03
C GLY A 107 0.11 -24.32 -13.11
N ARG A 108 -0.97 -25.09 -12.94
CA ARG A 108 -0.88 -26.54 -12.97
C ARG A 108 -1.09 -27.15 -14.36
N ASP A 109 -1.34 -26.32 -15.38
CA ASP A 109 -1.54 -26.84 -16.73
C ASP A 109 -0.69 -26.11 -17.76
N THR A 117 10.41 -24.22 -11.29
CA THR A 117 10.24 -22.84 -10.85
C THR A 117 10.50 -22.73 -9.35
N VAL A 118 11.26 -21.71 -8.96
CA VAL A 118 11.50 -21.39 -7.56
C VAL A 118 10.68 -20.16 -7.25
N LEU A 119 9.73 -20.29 -6.32
CA LEU A 119 8.83 -19.20 -6.00
C LEU A 119 9.19 -18.65 -4.63
N CYS A 120 9.71 -17.43 -4.60
CA CYS A 120 9.92 -16.72 -3.34
C CYS A 120 8.64 -15.98 -3.02
N ALA A 121 8.02 -16.30 -1.88
CA ALA A 121 6.71 -15.79 -1.52
C ALA A 121 6.71 -15.28 -0.09
N THR A 122 5.99 -14.19 0.13
CA THR A 122 5.88 -13.60 1.45
C THR A 122 4.41 -13.27 1.70
N GLY A 123 4.14 -12.55 2.78
CA GLY A 123 2.78 -12.33 3.21
C GLY A 123 2.23 -13.55 3.95
N GLY A 124 1.10 -13.33 4.63
CA GLY A 124 0.46 -14.42 5.35
C GLY A 124 0.08 -15.59 4.47
N GLY A 125 -0.27 -15.32 3.21
CA GLY A 125 -0.67 -16.39 2.32
C GLY A 125 0.45 -17.33 1.90
N ALA A 126 1.72 -16.89 2.03
CA ALA A 126 2.82 -17.82 1.79
C ALA A 126 2.74 -19.01 2.75
N TYR A 127 2.28 -18.79 3.97
CA TYR A 127 2.06 -19.85 4.94
C TYR A 127 0.71 -20.52 4.74
N LYS A 128 -0.35 -19.72 4.65
CA LYS A 128 -1.70 -20.28 4.59
C LYS A 128 -1.88 -21.16 3.36
N PHE A 129 -1.30 -20.76 2.23
CA PHE A 129 -1.50 -21.50 0.97
C PHE A 129 -0.28 -22.30 0.56
N GLU A 130 0.62 -22.56 1.50
CA GLU A 130 1.83 -23.33 1.18
C GLU A 130 1.49 -24.67 0.51
N LYS A 131 0.56 -25.43 1.08
CA LYS A 131 0.25 -26.74 0.52
C LYS A 131 -0.37 -26.62 -0.87
N ASP A 132 -1.08 -25.52 -1.12
CA ASP A 132 -1.68 -25.31 -2.44
C ASP A 132 -0.61 -25.07 -3.50
N PHE A 133 0.38 -24.22 -3.20
CA PHE A 133 1.48 -24.01 -4.12
C PHE A 133 2.23 -25.31 -4.38
N ARG A 134 2.27 -26.19 -3.40
CA ARG A 134 2.99 -27.44 -3.60
C ARG A 134 2.25 -28.43 -4.49
N THR A 135 1.00 -28.13 -4.88
CA THR A 135 0.32 -28.97 -5.88
C THR A 135 0.90 -28.77 -7.27
N ILE A 136 1.71 -27.74 -7.46
CA ILE A 136 2.43 -27.56 -8.71
C ILE A 136 3.68 -28.42 -8.64
N GLY A 137 3.74 -29.46 -9.46
CA GLY A 137 4.83 -30.41 -9.41
C GLY A 137 6.21 -29.79 -9.43
N ASN A 138 7.09 -30.25 -8.55
CA ASN A 138 8.49 -29.86 -8.47
C ASN A 138 8.69 -28.39 -8.13
N LEU A 139 7.61 -27.65 -7.86
CA LEU A 139 7.75 -26.25 -7.45
C LEU A 139 8.41 -26.18 -6.09
N HIS A 140 9.42 -25.34 -5.96
CA HIS A 140 10.07 -25.09 -4.69
C HIS A 140 9.54 -23.77 -4.14
N LEU A 141 8.90 -23.83 -2.99
CA LEU A 141 8.34 -22.65 -2.34
C LEU A 141 9.28 -22.22 -1.21
N HIS A 142 9.69 -20.96 -1.23
CA HIS A 142 10.54 -20.42 -0.18
C HIS A 142 9.80 -19.28 0.50
N LYS A 143 9.37 -19.51 1.74
CA LYS A 143 8.60 -18.52 2.48
C LYS A 143 9.55 -17.49 3.10
N LEU A 144 9.25 -16.21 2.91
CA LEU A 144 10.08 -15.13 3.41
C LEU A 144 9.22 -14.20 4.25
N ASP A 145 9.83 -13.54 5.24
CA ASP A 145 9.04 -12.76 6.18
C ASP A 145 8.49 -11.49 5.54
N GLU A 146 7.20 -11.23 5.82
CA GLU A 146 6.47 -10.12 5.21
C GLU A 146 7.14 -8.79 5.47
N LEU A 147 7.61 -8.55 6.70
CA LEU A 147 8.19 -7.25 7.00
C LEU A 147 9.66 -7.16 6.57
N ASP A 148 10.41 -8.27 6.63
CA ASP A 148 11.76 -8.26 6.04
C ASP A 148 11.71 -7.93 4.55
N CYS A 149 10.74 -8.49 3.83
CA CYS A 149 10.61 -8.24 2.40
C CYS A 149 10.21 -6.81 2.11
N LEU A 150 9.29 -6.26 2.92
CA LEU A 150 8.88 -4.86 2.75
C LEU A 150 10.09 -3.94 2.87
N VAL A 151 10.92 -4.12 3.92
CA VAL A 151 12.05 -3.22 4.13
C VAL A 151 13.06 -3.36 2.99
N LYS A 152 13.37 -4.60 2.60
CA LYS A 152 14.34 -4.84 1.54
C LYS A 152 13.86 -4.26 0.21
N GLY A 153 12.58 -4.46 -0.12
CA GLY A 153 12.06 -3.97 -1.38
C GLY A 153 11.96 -2.46 -1.43
N LEU A 154 11.56 -1.85 -0.31
CA LEU A 154 11.50 -0.39 -0.21
C LEU A 154 12.86 0.23 -0.43
N LEU A 155 13.87 -0.27 0.29
CA LEU A 155 15.21 0.27 0.14
C LEU A 155 15.74 0.06 -1.28
N TYR A 156 15.43 -1.08 -1.89
CA TYR A 156 15.93 -1.37 -3.23
C TYR A 156 15.34 -0.42 -4.26
N ILE A 157 14.01 -0.29 -4.29
CA ILE A 157 13.36 0.54 -5.30
C ILE A 157 13.81 1.99 -5.15
N ASP A 158 13.89 2.49 -3.91
CA ASP A 158 14.41 3.84 -3.74
C ASP A 158 15.83 3.97 -4.27
N SER A 159 16.63 2.91 -4.15
CA SER A 159 18.03 3.00 -4.55
C SER A 159 18.19 3.04 -6.06
N VAL A 160 17.36 2.28 -6.80
CA VAL A 160 17.49 2.28 -8.26
C VAL A 160 16.72 3.40 -8.93
N SER A 161 15.84 4.09 -8.18
CA SER A 161 14.98 5.18 -8.63
C SER A 161 13.82 4.68 -9.51
N PHE A 162 12.87 5.57 -9.77
CA PHE A 162 11.70 5.27 -10.58
C PHE A 162 12.01 5.78 -11.98
N ASN A 163 12.80 5.00 -12.71
CA ASN A 163 13.21 5.38 -14.06
C ASN A 163 13.85 6.77 -14.07
N GLY A 164 14.71 7.02 -13.07
CA GLY A 164 15.42 8.27 -12.96
C GLY A 164 14.71 9.36 -12.17
N GLN A 165 13.43 9.17 -11.86
CA GLN A 165 12.67 10.07 -11.02
C GLN A 165 12.69 9.57 -9.58
N ALA A 166 12.36 10.47 -8.66
CA ALA A 166 12.27 10.09 -7.25
C ALA A 166 11.18 9.06 -7.01
N GLU A 167 11.52 8.03 -6.22
CA GLU A 167 10.51 7.09 -5.76
C GLU A 167 9.68 7.68 -4.62
N CYS A 168 10.26 8.61 -3.85
CA CYS A 168 9.62 9.11 -2.65
C CYS A 168 9.15 10.55 -2.88
N TYR A 169 7.98 10.89 -2.34
CA TYR A 169 7.47 12.23 -2.52
C TYR A 169 6.70 12.65 -1.27
N TYR A 170 6.42 13.94 -1.19
CA TYR A 170 5.63 14.49 -0.11
C TYR A 170 4.71 15.56 -0.69
N PHE A 171 3.79 16.08 0.11
CA PHE A 171 2.95 17.19 -0.33
C PHE A 171 3.46 18.46 0.34
N ALA A 172 4.02 19.36 -0.47
CA ALA A 172 4.58 20.60 0.04
C ALA A 172 3.46 21.55 0.44
N ASN A 173 3.68 22.30 1.52
CA ASN A 173 2.70 23.25 2.03
C ASN A 173 1.33 22.61 2.15
N ALA A 174 1.29 21.45 2.80
CA ALA A 174 0.04 20.70 2.93
C ALA A 174 -1.01 21.47 3.73
N SER A 175 -0.60 22.51 4.47
CA SER A 175 -1.56 23.28 5.24
C SER A 175 -2.36 24.24 4.37
N GLU A 176 -1.79 24.71 3.26
CA GLU A 176 -2.46 25.69 2.39
C GLU A 176 -2.89 25.04 1.10
N PRO A 177 -4.19 24.93 0.81
CA PRO A 177 -4.63 24.15 -0.36
C PRO A 177 -4.27 24.81 -1.69
N GLU A 178 -4.19 26.14 -1.74
CA GLU A 178 -3.79 26.82 -2.97
C GLU A 178 -2.34 26.52 -3.34
N ARG A 179 -1.53 26.05 -2.39
CA ARG A 179 -0.12 25.76 -2.62
C ARG A 179 0.22 24.29 -2.55
N CYS A 180 -0.64 23.46 -1.96
CA CYS A 180 -0.34 22.05 -1.72
C CYS A 180 -0.06 21.33 -3.04
N GLN A 181 1.15 20.79 -3.17
CA GLN A 181 1.54 20.09 -4.39
C GLN A 181 2.53 18.98 -4.09
N LYS A 182 2.42 17.91 -4.87
CA LYS A 182 3.36 16.78 -4.80
C LYS A 182 4.78 17.20 -5.19
N MET A 183 5.75 16.87 -4.35
CA MET A 183 7.16 17.22 -4.56
C MET A 183 8.07 16.04 -4.20
N PRO A 184 9.19 15.90 -4.91
CA PRO A 184 10.08 14.75 -4.63
C PRO A 184 10.84 14.92 -3.32
N PHE A 185 11.17 13.78 -2.70
CA PHE A 185 11.87 13.76 -1.42
C PHE A 185 13.04 12.79 -1.49
N ASN A 186 14.21 13.24 -1.04
CA ASN A 186 15.41 12.42 -1.14
C ASN A 186 15.54 11.51 0.09
N LEU A 187 15.70 10.21 -0.18
CA LEU A 187 15.89 9.18 0.85
C LEU A 187 17.24 8.48 0.70
N ASP A 188 18.28 9.23 0.32
CA ASP A 188 19.59 8.62 0.12
C ASP A 188 20.17 8.08 1.42
N ASP A 189 20.00 8.80 2.52
CA ASP A 189 20.26 8.28 3.86
C ASP A 189 18.91 8.11 4.52
N PRO A 190 18.27 6.94 4.41
CA PRO A 190 16.89 6.79 4.86
C PRO A 190 16.73 6.54 6.35
N TYR A 191 17.83 6.44 7.09
CA TYR A 191 17.57 6.01 8.46
C TYR A 191 17.70 7.19 9.43
N PRO A 192 16.89 7.21 10.50
CA PRO A 192 15.84 6.22 10.75
C PRO A 192 14.56 6.53 9.97
N LEU A 193 13.66 5.55 9.87
CA LEU A 193 12.44 5.70 9.09
C LEU A 193 11.32 4.96 9.81
N LEU A 194 10.16 5.61 9.94
CA LEU A 194 8.96 4.94 10.39
C LEU A 194 8.13 4.57 9.16
N VAL A 195 7.88 3.28 8.99
CA VAL A 195 7.12 2.77 7.85
C VAL A 195 5.75 2.35 8.34
N VAL A 196 4.71 2.94 7.76
CA VAL A 196 3.33 2.64 8.11
C VAL A 196 2.71 1.91 6.92
N ASN A 197 2.46 0.61 7.11
CA ASN A 197 2.01 -0.29 6.05
C ASN A 197 0.51 -0.48 6.19
N ILE A 198 -0.26 0.19 5.34
CA ILE A 198 -1.71 0.19 5.42
C ILE A 198 -2.23 -0.81 4.40
N GLY A 199 -2.50 -2.03 4.86
CA GLY A 199 -3.09 -3.06 4.02
C GLY A 199 -4.48 -3.41 4.54
N SER A 200 -4.79 -4.71 4.69
CA SER A 200 -6.01 -5.11 5.37
C SER A 200 -6.09 -4.47 6.74
N GLY A 201 -5.02 -4.62 7.53
CA GLY A 201 -4.80 -3.89 8.76
C GLY A 201 -3.62 -2.93 8.60
N VAL A 202 -3.06 -2.51 9.74
CA VAL A 202 -1.91 -1.59 9.70
C VAL A 202 -0.78 -2.16 10.53
N SER A 203 0.42 -2.25 9.94
CA SER A 203 1.64 -2.52 10.68
C SER A 203 2.53 -1.28 10.66
N ILE A 204 3.21 -1.02 11.78
CA ILE A 204 4.12 0.12 11.88
C ILE A 204 5.50 -0.40 12.22
N LEU A 205 6.48 -0.05 11.39
CA LEU A 205 7.86 -0.49 11.52
C LEU A 205 8.77 0.68 11.85
N ALA A 206 9.75 0.45 12.70
CA ALA A 206 10.83 1.41 12.93
C ALA A 206 12.08 0.84 12.29
N VAL A 207 12.63 1.55 11.31
CA VAL A 207 13.77 1.07 10.54
C VAL A 207 14.96 1.93 10.94
N HIS A 208 15.93 1.32 11.62
CA HIS A 208 17.13 2.03 12.04
C HIS A 208 18.31 1.78 11.13
N SER A 209 18.37 0.63 10.46
CA SER A 209 19.39 0.35 9.47
C SER A 209 18.86 -0.71 8.53
N LYS A 210 19.66 -1.07 7.52
CA LYS A 210 19.21 -2.09 6.56
C LYS A 210 18.99 -3.44 7.22
N ASP A 211 19.64 -3.70 8.36
CA ASP A 211 19.49 -4.97 9.08
C ASP A 211 18.95 -4.78 10.50
N ASN A 212 18.45 -3.60 10.85
CA ASN A 212 17.95 -3.32 12.20
C ASN A 212 16.60 -2.63 12.08
N TYR A 213 15.53 -3.39 12.27
CA TYR A 213 14.18 -2.85 12.22
C TYR A 213 13.30 -3.65 13.16
N LYS A 214 12.23 -3.01 13.62
CA LYS A 214 11.31 -3.61 14.58
C LYS A 214 9.89 -3.28 14.15
N ARG A 215 8.96 -4.19 14.42
CA ARG A 215 7.54 -3.89 14.30
C ARG A 215 7.11 -3.22 15.60
N VAL A 216 6.86 -1.91 15.54
CA VAL A 216 6.57 -1.14 16.76
C VAL A 216 5.23 -1.56 17.34
N THR A 217 4.23 -1.63 16.49
CA THR A 217 2.87 -2.04 16.85
C THR A 217 2.08 -2.16 15.56
N GLY A 218 0.76 -2.29 15.71
CA GLY A 218 -0.13 -2.29 14.56
C GLY A 218 -1.50 -1.83 15.03
N THR A 219 -2.39 -1.62 14.08
CA THR A 219 -3.79 -1.37 14.42
C THR A 219 -4.67 -2.16 13.46
N SER A 220 -5.83 -2.59 13.95
CA SER A 220 -6.73 -3.32 13.08
CA SER A 220 -6.80 -3.32 13.15
C SER A 220 -7.67 -2.42 12.30
N LEU A 221 -7.54 -1.10 12.44
CA LEU A 221 -8.36 -0.16 11.68
C LEU A 221 -7.59 0.24 10.42
N GLY A 222 -7.74 -0.57 9.36
CA GLY A 222 -6.95 -0.39 8.17
C GLY A 222 -7.81 -0.34 6.92
N GLY A 223 -7.18 -0.71 5.79
CA GLY A 223 -7.90 -0.65 4.53
C GLY A 223 -9.10 -1.56 4.48
N GLY A 224 -9.03 -2.71 5.16
CA GLY A 224 -10.16 -3.63 5.14
C GLY A 224 -11.33 -3.10 5.94
N THR A 225 -11.04 -2.31 6.98
CA THR A 225 -12.08 -1.62 7.73
C THR A 225 -12.77 -0.58 6.87
N PHE A 226 -12.00 0.21 6.13
CA PHE A 226 -12.61 1.17 5.22
C PHE A 226 -13.55 0.47 4.26
N LEU A 227 -13.06 -0.56 3.58
CA LEU A 227 -13.85 -1.22 2.54
C LEU A 227 -15.02 -2.01 3.13
N GLY A 228 -14.79 -2.70 4.25
CA GLY A 228 -15.85 -3.47 4.87
C GLY A 228 -16.96 -2.59 5.43
N LEU A 229 -16.60 -1.56 6.20
CA LEU A 229 -17.64 -0.67 6.73
C LEU A 229 -18.34 0.09 5.61
N CYS A 230 -17.57 0.57 4.63
CA CYS A 230 -18.18 1.24 3.49
C CYS A 230 -19.21 0.37 2.80
N SER A 231 -18.88 -0.91 2.59
CA SER A 231 -19.84 -1.80 1.93
C SER A 231 -21.09 -2.01 2.78
N LEU A 232 -20.90 -2.16 4.09
CA LEU A 232 -22.07 -2.32 4.97
C LEU A 232 -22.94 -1.06 4.97
N LEU A 233 -22.32 0.12 5.01
CA LEU A 233 -23.05 1.38 5.17
C LEU A 233 -23.64 1.89 3.86
N THR A 234 -23.00 1.61 2.73
CA THR A 234 -23.39 2.21 1.46
C THR A 234 -23.76 1.21 0.38
N GLY A 235 -23.41 -0.06 0.56
CA GLY A 235 -23.66 -1.04 -0.48
C GLY A 235 -22.72 -0.96 -1.65
N CYS A 236 -21.63 -0.19 -1.54
CA CYS A 236 -20.65 -0.15 -2.61
C CYS A 236 -20.06 -1.53 -2.83
N GLU A 237 -19.68 -1.81 -4.08
CA GLU A 237 -19.20 -3.14 -4.47
C GLU A 237 -17.73 -3.16 -4.83
N SER A 238 -17.00 -2.06 -4.64
CA SER A 238 -15.59 -2.05 -4.99
C SER A 238 -14.89 -0.91 -4.27
N PHE A 239 -13.57 -1.09 -4.11
CA PHE A 239 -12.74 -0.05 -3.50
C PHE A 239 -12.85 1.26 -4.27
N GLU A 240 -12.77 1.20 -5.61
CA GLU A 240 -12.83 2.41 -6.41
C GLU A 240 -14.20 3.09 -6.28
N GLU A 241 -15.27 2.30 -6.21
CA GLU A 241 -16.60 2.87 -5.99
C GLU A 241 -16.69 3.52 -4.61
N ALA A 242 -16.10 2.90 -3.59
CA ALA A 242 -16.10 3.51 -2.25
C ALA A 242 -15.44 4.88 -2.26
N LEU A 243 -14.29 4.99 -2.93
CA LEU A 243 -13.56 6.25 -3.02
C LEU A 243 -14.33 7.31 -3.80
N GLU A 244 -15.01 6.90 -4.89
CA GLU A 244 -15.80 7.85 -5.65
C GLU A 244 -16.96 8.40 -4.84
N MET A 245 -17.65 7.53 -4.09
CA MET A 245 -18.68 8.00 -3.17
C MET A 245 -18.10 8.98 -2.16
N ALA A 246 -16.95 8.64 -1.58
CA ALA A 246 -16.37 9.47 -0.52
C ALA A 246 -15.95 10.83 -1.06
N SER A 247 -15.52 10.89 -2.31
CA SER A 247 -15.14 12.17 -2.89
C SER A 247 -16.34 13.11 -3.00
N LYS A 248 -17.56 12.59 -3.02
CA LYS A 248 -18.76 13.40 -3.17
C LYS A 248 -19.42 13.73 -1.83
N GLY A 249 -18.95 13.14 -0.73
CA GLY A 249 -19.61 13.25 0.55
C GLY A 249 -19.08 14.36 1.44
N ASP A 250 -19.81 14.59 2.53
CA ASP A 250 -19.45 15.57 3.56
C ASP A 250 -19.40 14.80 4.87
N SER A 251 -18.20 14.50 5.37
CA SER A 251 -18.07 13.69 6.58
C SER A 251 -18.68 14.36 7.81
N THR A 252 -18.83 15.70 7.79
CA THR A 252 -19.34 16.39 8.98
C THR A 252 -20.84 16.18 9.15
N GLN A 253 -21.53 15.64 8.15
CA GLN A 253 -22.92 15.22 8.33
C GLN A 253 -23.03 14.04 9.28
N ALA A 254 -21.98 13.20 9.36
CA ALA A 254 -22.00 12.04 10.25
C ALA A 254 -21.19 12.25 11.53
N ASP A 255 -20.08 12.97 11.48
CA ASP A 255 -19.19 13.16 12.62
C ASP A 255 -19.65 14.30 13.52
N LYS A 256 -19.40 14.16 14.82
CA LYS A 256 -19.61 15.24 15.79
C LYS A 256 -18.29 15.98 15.96
N LEU A 257 -18.29 17.29 15.73
CA LEU A 257 -17.07 18.08 15.75
C LEU A 257 -16.90 18.78 17.10
N VAL A 258 -15.68 19.26 17.36
CA VAL A 258 -15.46 20.05 18.57
C VAL A 258 -16.46 21.21 18.65
N ARG A 259 -16.71 21.88 17.52
CA ARG A 259 -17.63 23.02 17.59
C ARG A 259 -19.07 22.60 17.86
N ASP A 260 -19.43 21.35 17.56
CA ASP A 260 -20.76 20.87 17.94
C ASP A 260 -20.90 20.71 19.45
N ILE A 261 -19.79 20.54 20.16
CA ILE A 261 -19.78 20.30 21.60
C ILE A 261 -19.53 21.59 22.37
N TYR A 262 -18.55 22.40 21.92
CA TYR A 262 -18.16 23.64 22.58
C TYR A 262 -18.80 24.90 22.00
N GLY A 263 -19.37 24.82 20.79
CA GLY A 263 -19.82 26.02 20.10
C GLY A 263 -18.72 26.74 19.35
N GLY A 264 -17.51 26.21 19.35
CA GLY A 264 -16.35 26.86 18.74
C GLY A 264 -15.12 26.04 19.05
N ASP A 265 -13.96 26.69 19.06
CA ASP A 265 -12.74 25.98 19.47
C ASP A 265 -12.81 25.62 20.96
N TYR A 266 -12.04 24.58 21.32
CA TYR A 266 -11.71 24.31 22.72
C TYR A 266 -10.30 24.89 22.91
N GLU A 267 -10.26 26.17 23.29
CA GLU A 267 -9.01 26.94 23.23
C GLU A 267 -7.99 26.42 24.22
N ARG A 268 -8.44 26.01 25.41
CA ARG A 268 -7.52 25.64 26.48
C ARG A 268 -6.55 24.55 26.03
N PHE A 269 -6.99 23.61 25.18
CA PHE A 269 -6.10 22.54 24.73
C PHE A 269 -5.86 22.60 23.23
N GLY A 270 -6.06 23.76 22.62
CA GLY A 270 -5.71 23.96 21.22
C GLY A 270 -6.44 23.06 20.25
N LEU A 271 -7.70 22.72 20.54
CA LEU A 271 -8.48 21.92 19.61
C LEU A 271 -9.34 22.83 18.75
N PRO A 272 -9.16 22.87 17.44
CA PRO A 272 -9.97 23.76 16.61
C PRO A 272 -11.39 23.23 16.48
N GLY A 273 -12.33 24.14 16.25
CA GLY A 273 -13.73 23.75 16.14
C GLY A 273 -13.98 22.70 15.08
N TRP A 274 -13.16 22.67 14.02
CA TRP A 274 -13.35 21.74 12.92
C TRP A 274 -12.85 20.34 13.20
N ALA A 275 -12.08 20.12 14.27
CA ALA A 275 -11.58 18.79 14.58
C ALA A 275 -12.74 17.85 14.91
N VAL A 276 -12.59 16.59 14.54
CA VAL A 276 -13.61 15.58 14.86
C VAL A 276 -13.47 15.19 16.32
N ALA A 277 -14.53 15.43 17.10
CA ALA A 277 -14.54 14.95 18.48
C ALA A 277 -15.03 13.51 18.58
N SER A 278 -16.03 13.12 17.77
CA SER A 278 -16.59 11.78 17.81
C SER A 278 -16.92 11.34 16.39
N SER A 279 -16.16 10.40 15.84
CA SER A 279 -16.44 9.85 14.51
C SER A 279 -17.79 9.16 14.51
N PHE A 280 -18.63 9.46 13.51
CA PHE A 280 -20.00 8.98 13.43
C PHE A 280 -20.84 9.43 14.63
N GLY A 281 -20.35 10.38 15.42
CA GLY A 281 -21.03 10.73 16.67
C GLY A 281 -22.37 11.41 16.49
N ASN A 282 -22.60 12.04 15.33
CA ASN A 282 -23.93 12.59 15.08
C ASN A 282 -24.94 11.53 14.68
N MET A 283 -24.50 10.29 14.45
CA MET A 283 -25.42 9.22 14.08
C MET A 283 -26.15 8.61 15.29
N ILE A 284 -25.90 9.10 16.50
CA ILE A 284 -26.74 8.71 17.63
C ILE A 284 -28.12 9.35 17.56
N TYR A 285 -28.32 10.30 16.66
CA TYR A 285 -29.59 10.99 16.55
C TYR A 285 -30.36 10.43 15.35
N LYS A 286 -31.56 9.91 15.62
CA LYS A 286 -32.33 9.23 14.58
C LYS A 286 -32.58 10.16 13.39
N GLU A 287 -32.90 11.43 13.65
CA GLU A 287 -33.19 12.35 12.56
C GLU A 287 -31.96 12.56 11.66
N LYS A 288 -30.76 12.55 12.25
CA LYS A 288 -29.56 12.70 11.44
C LYS A 288 -29.24 11.44 10.65
N ARG A 289 -29.50 10.26 11.22
CA ARG A 289 -29.34 9.02 10.46
C ARG A 289 -30.25 9.00 9.25
N GLU A 290 -31.42 9.61 9.35
CA GLU A 290 -32.39 9.59 8.26
C GLU A 290 -32.10 10.61 7.16
N SER A 291 -31.21 11.58 7.41
CA SER A 291 -30.90 12.58 6.39
C SER A 291 -29.52 12.40 5.77
N VAL A 292 -28.65 11.61 6.39
CA VAL A 292 -27.28 11.43 5.90
C VAL A 292 -27.32 10.65 4.59
N SER A 293 -26.41 10.99 3.67
CA SER A 293 -26.35 10.29 2.41
C SER A 293 -25.31 9.18 2.46
N LYS A 294 -25.41 8.26 1.50
CA LYS A 294 -24.39 7.23 1.37
C LYS A 294 -23.01 7.84 1.13
N GLU A 295 -22.93 8.89 0.32
CA GLU A 295 -21.64 9.54 0.07
C GLU A 295 -21.07 10.14 1.35
N ASP A 296 -21.92 10.77 2.17
CA ASP A 296 -21.45 11.28 3.46
C ASP A 296 -20.89 10.16 4.34
N LEU A 297 -21.57 9.02 4.38
CA LEU A 297 -21.08 7.90 5.19
C LEU A 297 -19.77 7.34 4.65
N ALA A 298 -19.65 7.25 3.32
CA ALA A 298 -18.38 6.79 2.74
C ALA A 298 -17.24 7.74 3.13
N ARG A 299 -17.48 9.04 3.04
CA ARG A 299 -16.43 10.00 3.38
C ARG A 299 -16.12 9.96 4.88
N ALA A 300 -17.15 9.82 5.72
CA ALA A 300 -16.88 9.71 7.16
C ALA A 300 -16.07 8.46 7.47
N THR A 301 -16.33 7.35 6.76
CA THR A 301 -15.53 6.15 6.99
C THR A 301 -14.08 6.40 6.60
N LEU A 302 -13.86 7.04 5.45
CA LEU A 302 -12.50 7.30 4.98
C LEU A 302 -11.76 8.21 5.96
N VAL A 303 -12.42 9.29 6.40
CA VAL A 303 -11.79 10.25 7.31
C VAL A 303 -11.48 9.60 8.66
N THR A 304 -12.43 8.83 9.19
CA THR A 304 -12.23 8.15 10.47
C THR A 304 -11.00 7.23 10.43
N ILE A 305 -10.91 6.38 9.40
CA ILE A 305 -9.81 5.43 9.29
C ILE A 305 -8.49 6.16 9.07
N THR A 306 -8.50 7.17 8.19
CA THR A 306 -7.25 7.87 7.87
C THR A 306 -6.72 8.66 9.06
N ASN A 307 -7.58 9.40 9.74
CA ASN A 307 -7.15 10.14 10.93
C ASN A 307 -6.62 9.21 12.00
N ASN A 308 -7.25 8.04 12.18
CA ASN A 308 -6.76 7.13 13.21
C ASN A 308 -5.37 6.63 12.87
N ILE A 309 -5.14 6.32 11.60
CA ILE A 309 -3.82 5.86 11.15
C ILE A 309 -2.78 6.95 11.37
N GLY A 310 -3.10 8.19 10.97
CA GLY A 310 -2.16 9.28 11.17
C GLY A 310 -1.85 9.50 12.64
N SER A 311 -2.88 9.41 13.48
CA SER A 311 -2.68 9.65 14.91
C SER A 311 -1.79 8.56 15.53
N VAL A 312 -2.05 7.30 15.19
CA VAL A 312 -1.20 6.21 15.69
C VAL A 312 0.23 6.37 15.15
N ALA A 313 0.37 6.75 13.88
CA ALA A 313 1.69 7.00 13.32
C ALA A 313 2.41 8.10 14.08
N ARG A 314 1.69 9.17 14.41
CA ARG A 314 2.30 10.28 15.13
C ARG A 314 2.78 9.85 16.51
N MET A 315 1.96 9.08 17.25
CA MET A 315 2.39 8.62 18.56
C MET A 315 3.60 7.70 18.47
N CYS A 316 3.63 6.82 17.45
CA CYS A 316 4.77 5.92 17.29
C CYS A 316 6.04 6.68 16.93
N ALA A 317 5.92 7.69 16.07
CA ALA A 317 7.06 8.51 15.70
C ALA A 317 7.64 9.23 16.92
N VAL A 318 6.77 9.82 17.76
CA VAL A 318 7.25 10.52 18.94
C VAL A 318 7.95 9.54 19.88
N ASN A 319 7.39 8.35 20.05
CA ASN A 319 8.00 7.39 20.96
C ASN A 319 9.30 6.84 20.39
N GLU A 320 9.37 6.64 19.07
CA GLU A 320 10.58 6.12 18.44
C GLU A 320 11.63 7.20 18.18
N LYS A 321 11.28 8.48 18.39
CA LYS A 321 12.16 9.60 18.07
C LYS A 321 12.58 9.58 16.60
N ILE A 322 11.58 9.42 15.73
CA ILE A 322 11.75 9.40 14.29
C ILE A 322 10.86 10.50 13.72
N ASN A 323 11.39 11.31 12.80
CA ASN A 323 10.57 12.39 12.25
C ASN A 323 10.15 12.18 10.80
N ARG A 324 10.61 11.12 10.13
CA ARG A 324 10.19 10.80 8.77
C ARG A 324 9.26 9.59 8.79
N VAL A 325 8.03 9.78 8.33
CA VAL A 325 7.01 8.74 8.37
C VAL A 325 6.56 8.45 6.94
N VAL A 326 6.85 7.25 6.44
CA VAL A 326 6.51 6.85 5.08
CA VAL A 326 6.49 6.87 5.08
C VAL A 326 5.31 5.91 5.14
N PHE A 327 4.30 6.19 4.33
CA PHE A 327 3.06 5.41 4.33
C PHE A 327 3.05 4.58 3.05
N VAL A 328 2.87 3.26 3.20
CA VAL A 328 2.82 2.33 2.08
C VAL A 328 1.57 1.46 2.21
N GLY A 329 1.42 0.50 1.29
CA GLY A 329 0.26 -0.37 1.25
C GLY A 329 -0.77 0.12 0.25
N ASN A 330 -1.73 -0.73 -0.07
CA ASN A 330 -2.62 -0.39 -1.17
C ASN A 330 -3.87 0.36 -0.73
N PHE A 331 -4.07 0.61 0.57
CA PHE A 331 -5.13 1.53 0.96
C PHE A 331 -4.98 2.88 0.27
N LEU A 332 -3.74 3.28 -0.02
CA LEU A 332 -3.49 4.59 -0.61
C LEU A 332 -3.43 4.57 -2.14
N ARG A 333 -3.52 3.40 -2.78
CA ARG A 333 -3.58 3.38 -4.24
C ARG A 333 -4.79 4.16 -4.75
N VAL A 334 -4.57 4.98 -5.78
CA VAL A 334 -5.54 5.89 -6.40
C VAL A 334 -6.40 6.58 -5.35
N ASN A 335 -5.80 6.94 -4.21
CA ASN A 335 -6.52 7.48 -3.06
C ASN A 335 -5.85 8.79 -2.62
N THR A 336 -6.01 9.84 -3.44
CA THR A 336 -5.37 11.11 -3.12
C THR A 336 -6.02 11.79 -1.92
N LEU A 337 -7.31 11.55 -1.70
CA LEU A 337 -7.98 12.09 -0.52
C LEU A 337 -7.27 11.68 0.75
N SER A 338 -7.00 10.38 0.90
CA SER A 338 -6.36 9.92 2.13
C SER A 338 -4.91 10.40 2.21
N MET A 339 -4.20 10.44 1.08
CA MET A 339 -2.83 10.95 1.12
C MET A 339 -2.79 12.41 1.57
N LYS A 340 -3.66 13.23 0.99
CA LYS A 340 -3.69 14.66 1.37
C LYS A 340 -4.13 14.85 2.81
N LEU A 341 -5.07 14.02 3.27
CA LEU A 341 -5.50 14.13 4.66
C LEU A 341 -4.37 13.75 5.60
N LEU A 342 -3.62 12.68 5.26
CA LEU A 342 -2.46 12.30 6.07
C LEU A 342 -1.40 13.40 6.07
N ALA A 343 -1.10 13.95 4.89
CA ALA A 343 -0.10 15.00 4.80
C ALA A 343 -0.49 16.20 5.67
N TYR A 344 -1.75 16.63 5.57
CA TYR A 344 -2.19 17.78 6.32
C TYR A 344 -2.24 17.48 7.81
N ALA A 345 -2.79 16.32 8.17
CA ALA A 345 -3.02 16.01 9.58
C ALA A 345 -1.71 15.77 10.31
N LEU A 346 -0.77 15.07 9.68
CA LEU A 346 0.51 14.82 10.35
C LEU A 346 1.24 16.12 10.60
N ASP A 347 1.27 17.00 9.60
CA ASP A 347 1.91 18.30 9.76
C ASP A 347 1.17 19.16 10.79
N TYR A 348 -0.17 19.18 10.73
CA TYR A 348 -0.93 20.05 11.64
C TYR A 348 -0.77 19.59 13.09
N TRP A 349 -1.09 18.32 13.34
CA TRP A 349 -1.12 17.85 14.73
C TRP A 349 0.29 17.68 15.32
N SER A 350 1.32 17.56 14.49
CA SER A 350 2.68 17.51 15.02
C SER A 350 3.31 18.90 15.12
N LYS A 351 2.55 19.95 14.80
CA LYS A 351 3.07 21.31 14.77
C LYS A 351 4.31 21.41 13.89
N GLY A 352 4.28 20.69 12.77
CA GLY A 352 5.34 20.75 11.78
C GLY A 352 6.54 19.87 12.05
N GLN A 353 6.51 19.05 13.10
CA GLN A 353 7.68 18.25 13.49
C GLN A 353 7.80 16.94 12.71
N LEU A 354 6.70 16.44 12.16
CA LEU A 354 6.71 15.21 11.38
C LEU A 354 6.32 15.52 9.95
N LYS A 355 6.85 14.73 9.01
CA LYS A 355 6.53 14.88 7.60
C LYS A 355 5.99 13.56 7.05
N ALA A 356 4.84 13.62 6.38
CA ALA A 356 4.27 12.45 5.72
C ALA A 356 4.94 12.23 4.37
N LEU A 357 5.48 11.03 4.17
CA LEU A 357 6.17 10.68 2.94
C LEU A 357 5.41 9.54 2.26
N PHE A 358 5.47 9.52 0.94
CA PHE A 358 4.73 8.56 0.12
C PHE A 358 5.66 8.01 -0.95
N LEU A 359 5.37 6.79 -1.41
CA LEU A 359 6.22 6.11 -2.38
C LEU A 359 5.40 5.67 -3.60
N GLU A 360 5.98 5.84 -4.80
CA GLU A 360 5.24 5.52 -6.01
C GLU A 360 4.86 4.04 -6.08
N HIS A 361 5.70 3.15 -5.55
CA HIS A 361 5.48 1.71 -5.66
C HIS A 361 4.89 1.12 -4.39
N GLU A 362 3.98 1.89 -3.77
CA GLU A 362 3.61 1.71 -2.35
C GLU A 362 3.08 0.30 -2.04
N GLY A 363 2.38 -0.32 -2.98
CA GLY A 363 1.82 -1.63 -2.66
C GLY A 363 2.70 -2.83 -2.92
N TYR A 364 3.85 -2.65 -3.59
CA TYR A 364 4.60 -3.75 -4.18
C TYR A 364 5.92 -4.06 -3.49
N PHE A 365 6.25 -3.39 -2.37
CA PHE A 365 7.61 -3.56 -1.83
C PHE A 365 7.86 -4.97 -1.34
N GLY A 366 6.87 -5.59 -0.69
CA GLY A 366 7.03 -6.98 -0.27
C GLY A 366 7.31 -7.93 -1.43
N ALA A 367 6.57 -7.78 -2.53
CA ALA A 367 6.80 -8.63 -3.70
C ALA A 367 8.19 -8.44 -4.25
N VAL A 368 8.69 -7.19 -4.29
CA VAL A 368 10.04 -6.96 -4.78
C VAL A 368 11.06 -7.58 -3.82
N GLY A 369 10.87 -7.38 -2.52
CA GLY A 369 11.81 -7.96 -1.56
C GLY A 369 11.88 -9.48 -1.64
N ALA A 370 10.73 -10.12 -1.88
CA ALA A 370 10.73 -11.57 -2.08
C ALA A 370 11.56 -11.95 -3.29
N LEU A 371 11.35 -11.26 -4.41
CA LEU A 371 12.14 -11.51 -5.62
C LEU A 371 13.63 -11.36 -5.33
N LEU A 372 14.01 -10.38 -4.52
CA LEU A 372 15.40 -10.16 -4.19
C LEU A 372 16.01 -11.30 -3.37
N GLY A 373 15.19 -12.14 -2.74
CA GLY A 373 15.71 -13.28 -2.00
C GLY A 373 16.11 -14.47 -2.85
N LEU A 374 15.82 -14.40 -4.15
CA LEU A 374 16.08 -15.53 -5.03
C LEU A 374 17.52 -16.03 -5.00
N PRO A 375 18.55 -15.18 -5.01
CA PRO A 375 19.93 -15.71 -4.99
C PRO A 375 20.27 -16.53 -3.75
N ASN A 376 19.53 -16.40 -2.65
CA ASN A 376 19.79 -17.23 -1.48
C ASN A 376 19.56 -18.71 -1.78
N PHE A 377 18.62 -19.01 -2.68
CA PHE A 377 18.25 -20.39 -2.98
C PHE A 377 18.70 -20.80 -4.37
#